data_6SDO
#
_entry.id   6SDO
#
_cell.length_a   57.824
_cell.length_b   57.824
_cell.length_c   398.248
_cell.angle_alpha   90.000
_cell.angle_beta   90.000
_cell.angle_gamma   120.000
#
_symmetry.space_group_name_H-M   'P 61 2 2'
#
loop_
_entity.id
_entity.type
_entity.pdbx_description
1 polymer 'Farnesyl diphosphate synthase'
2 non-polymer 'SULFATE ION'
3 non-polymer 'ZINC ION'
4 non-polymer 3-nitrophenol
5 water water
#
_entity_poly.entity_id   1
_entity_poly.type   'polypeptide(L)'
_entity_poly.pdbx_seq_one_letter_code
;MASMERFLSVYDEVQAFLLDQLQSKYEIDPNRARYLRIMMDTTCLGGKYFRGMTVVNVAEGFLAVTQHDEATKERILHDA
CVGGWMIEFLQAHYLVEDDIMDGSVMRRGKPCWYRFPGVTTQCAINDGIILKSWTQIMAWHYFADRPFLKDLLCLFQKVD
YATAVGQMYDVTSMCDSNKLDPEVAQPMTTDFAEFTPAIYKRIVKYKTTFYTYLLPLVMGLLVSEAAASVEMNLVERVAH
LIGEYFQVQDDVMDCFTPPEQLGKVGTDIEDAKCSWLAVTFLGKANAAQVAEFKANYGEKDPAKVAVVKRLYSKANLQAD
FAAYEAEVVREVESLIEQLKVKSPTFAESVAVVWEKTHKRKK
;
_entity_poly.pdbx_strand_id   A
#
# COMPACT_ATOMS: atom_id res chain seq x y z
N MET A 1 13.82 -15.82 -18.69
CA MET A 1 14.39 -15.12 -17.50
C MET A 1 13.35 -15.03 -16.39
N ALA A 2 13.71 -15.50 -15.20
CA ALA A 2 12.78 -15.44 -14.08
C ALA A 2 12.38 -13.98 -13.82
N SER A 3 11.13 -13.84 -13.38
CA SER A 3 10.50 -12.54 -13.28
C SER A 3 11.17 -11.64 -12.27
N MET A 4 11.52 -12.17 -11.09
CA MET A 4 12.11 -11.34 -10.05
C MET A 4 13.49 -10.82 -10.47
N GLU A 5 14.27 -11.65 -11.15
CA GLU A 5 15.60 -11.19 -11.57
C GLU A 5 15.48 -10.09 -12.61
N ARG A 6 14.51 -10.22 -13.52
CA ARG A 6 14.25 -9.14 -14.46
C ARG A 6 13.87 -7.87 -13.72
N PHE A 7 12.96 -7.99 -12.75
CA PHE A 7 12.50 -6.83 -12.00
C PHE A 7 13.66 -6.14 -11.28
N LEU A 8 14.53 -6.90 -10.62
CA LEU A 8 15.67 -6.31 -9.93
C LEU A 8 16.69 -5.69 -10.91
N SER A 9 16.88 -6.33 -12.05
CA SER A 9 17.78 -5.76 -13.06
C SER A 9 17.27 -4.42 -13.54
N VAL A 10 15.94 -4.33 -13.74
CA VAL A 10 15.36 -3.07 -14.19
C VAL A 10 15.51 -2.00 -13.12
N TYR A 11 15.46 -2.36 -11.82
CA TYR A 11 15.77 -1.36 -10.79
C TYR A 11 17.13 -0.71 -11.05
N ASP A 12 18.16 -1.53 -11.27
CA ASP A 12 19.48 -0.99 -11.49
C ASP A 12 19.52 -0.08 -12.70
N GLU A 13 18.83 -0.50 -13.78
CA GLU A 13 18.76 0.33 -14.99
C GLU A 13 18.11 1.67 -14.70
N VAL A 14 16.93 1.65 -14.05
CA VAL A 14 16.19 2.86 -13.74
C VAL A 14 17.00 3.78 -12.83
N GLN A 15 17.64 3.21 -11.81
CA GLN A 15 18.50 4.02 -10.94
C GLN A 15 19.61 4.69 -11.73
N ALA A 16 20.31 3.93 -12.58
CA ALA A 16 21.37 4.51 -13.37
C ALA A 16 20.85 5.62 -14.27
N PHE A 17 19.69 5.41 -14.92
CA PHE A 17 19.12 6.45 -15.78
C PHE A 17 18.83 7.72 -14.98
N LEU A 18 18.24 7.58 -13.79
CA LEU A 18 17.81 8.75 -13.03
C LEU A 18 19.03 9.52 -12.55
N LEU A 19 20.03 8.80 -12.03
CA LEU A 19 21.24 9.46 -11.55
C LEU A 19 22.06 10.04 -12.69
N ASP A 20 22.12 9.36 -13.83
N ASP A 20 22.15 9.36 -13.84
CA ASP A 20 22.86 9.92 -14.98
CA ASP A 20 22.87 9.95 -14.96
C ASP A 20 22.19 11.18 -15.50
C ASP A 20 22.19 11.24 -15.42
N GLN A 21 20.85 11.23 -15.47
CA GLN A 21 20.14 12.41 -15.92
C GLN A 21 20.35 13.57 -14.94
N LEU A 22 20.42 13.27 -13.64
CA LEU A 22 20.70 14.35 -12.67
C LEU A 22 22.05 14.99 -12.96
N GLN A 23 23.02 14.20 -13.39
CA GLN A 23 24.34 14.72 -13.73
C GLN A 23 24.32 15.49 -15.04
N SER A 24 23.66 14.94 -16.06
CA SER A 24 23.75 15.53 -17.38
C SER A 24 22.84 16.73 -17.56
N LYS A 25 21.74 16.82 -16.80
CA LYS A 25 20.75 17.87 -17.03
C LYS A 25 20.40 18.68 -15.80
N TYR A 26 20.73 18.24 -14.58
CA TYR A 26 20.34 18.96 -13.36
C TYR A 26 21.57 19.43 -12.58
N GLU A 27 22.75 19.33 -13.20
CA GLU A 27 24.00 19.88 -12.65
C GLU A 27 24.36 19.26 -11.29
N ILE A 28 23.93 18.03 -11.04
CA ILE A 28 24.23 17.43 -9.73
C ILE A 28 25.69 17.06 -9.64
N ASP A 29 26.23 17.13 -8.44
CA ASP A 29 27.60 16.75 -8.12
C ASP A 29 27.65 15.33 -7.59
N PRO A 30 28.83 14.70 -7.60
CA PRO A 30 28.91 13.26 -7.26
C PRO A 30 28.45 12.92 -5.85
N ASN A 31 28.72 13.80 -4.87
CA ASN A 31 28.35 13.46 -3.50
C ASN A 31 26.84 13.52 -3.28
N ARG A 32 26.17 14.47 -3.92
CA ARG A 32 24.70 14.49 -3.82
C ARG A 32 24.08 13.35 -4.62
N ALA A 33 24.71 12.96 -5.72
CA ALA A 33 24.21 11.79 -6.45
C ALA A 33 24.32 10.54 -5.59
N ARG A 34 25.41 10.42 -4.84
CA ARG A 34 25.57 9.29 -3.93
C ARG A 34 24.52 9.32 -2.81
N TYR A 35 24.26 10.49 -2.25
CA TYR A 35 23.22 10.59 -1.24
C TYR A 35 21.89 10.10 -1.80
N LEU A 36 21.54 10.54 -3.01
CA LEU A 36 20.25 10.15 -3.58
C LEU A 36 20.23 8.66 -3.94
N ARG A 37 21.38 8.10 -4.34
CA ARG A 37 21.46 6.66 -4.62
C ARG A 37 21.19 5.85 -3.35
N ILE A 38 21.80 6.26 -2.24
CA ILE A 38 21.56 5.60 -0.97
C ILE A 38 20.11 5.80 -0.51
N MET A 39 19.56 6.99 -0.72
CA MET A 39 18.18 7.22 -0.34
C MET A 39 17.24 6.34 -1.13
N MET A 40 17.49 6.20 -2.43
CA MET A 40 16.65 5.36 -3.27
C MET A 40 16.72 3.91 -2.80
N ASP A 41 17.94 3.41 -2.58
CA ASP A 41 18.07 2.03 -2.14
C ASP A 41 17.41 1.82 -0.79
N THR A 42 17.58 2.76 0.12
CA THR A 42 17.09 2.54 1.49
C THR A 42 15.58 2.61 1.55
N THR A 43 14.95 3.43 0.73
CA THR A 43 13.51 3.63 0.79
C THR A 43 12.74 2.72 -0.15
N CYS A 44 13.37 2.23 -1.24
CA CYS A 44 12.66 1.49 -2.24
C CYS A 44 12.91 -0.01 -2.21
N LEU A 45 14.00 -0.45 -1.62
CA LEU A 45 14.40 -1.85 -1.58
C LEU A 45 14.19 -2.41 -0.18
N GLY A 46 14.03 -3.71 -0.12
CA GLY A 46 13.98 -4.41 1.14
C GLY A 46 12.64 -5.02 1.46
N GLY A 47 11.59 -4.61 0.75
CA GLY A 47 10.30 -5.23 0.88
C GLY A 47 10.19 -6.48 0.04
N LYS A 48 8.96 -6.95 -0.14
CA LYS A 48 8.68 -8.14 -0.92
C LYS A 48 8.35 -7.86 -2.38
N TYR A 49 8.20 -6.59 -2.74
CA TYR A 49 7.86 -6.17 -4.10
C TYR A 49 6.55 -6.77 -4.58
N PHE A 50 5.60 -7.02 -3.66
CA PHE A 50 4.31 -7.57 -4.05
C PHE A 50 3.63 -6.72 -5.12
N ARG A 51 3.61 -5.41 -4.91
CA ARG A 51 2.88 -4.52 -5.81
C ARG A 51 3.54 -4.46 -7.17
N GLY A 52 4.84 -4.22 -7.20
CA GLY A 52 5.51 -4.13 -8.49
C GLY A 52 5.48 -5.42 -9.25
N MET A 53 5.66 -6.54 -8.55
CA MET A 53 5.69 -7.84 -9.23
C MET A 53 4.31 -8.25 -9.71
N THR A 54 3.24 -7.71 -9.11
CA THR A 54 1.91 -7.99 -9.62
C THR A 54 1.76 -7.45 -11.05
N VAL A 55 2.32 -6.26 -11.34
CA VAL A 55 2.30 -5.76 -12.71
C VAL A 55 2.97 -6.77 -13.66
N VAL A 56 4.14 -7.25 -13.26
CA VAL A 56 4.87 -8.18 -14.09
C VAL A 56 4.09 -9.48 -14.27
N ASN A 57 3.49 -9.99 -13.18
CA ASN A 57 2.80 -11.27 -13.26
C ASN A 57 1.55 -11.18 -14.14
N VAL A 58 0.81 -10.07 -14.04
CA VAL A 58 -0.35 -9.89 -14.91
C VAL A 58 0.09 -9.88 -16.36
N ALA A 59 1.17 -9.14 -16.65
CA ALA A 59 1.67 -9.07 -18.02
C ALA A 59 2.11 -10.44 -18.49
N GLU A 60 2.77 -11.21 -17.62
CA GLU A 60 3.22 -12.55 -17.99
C GLU A 60 2.03 -13.44 -18.34
N GLY A 61 0.93 -13.28 -17.63
CA GLY A 61 -0.23 -14.10 -17.93
C GLY A 61 -0.75 -13.88 -19.33
N PHE A 62 -0.83 -12.61 -19.76
CA PHE A 62 -1.28 -12.32 -21.12
C PHE A 62 -0.26 -12.75 -22.16
N LEU A 63 1.03 -12.66 -21.85
CA LEU A 63 2.04 -13.09 -22.83
C LEU A 63 1.88 -14.57 -23.14
N ALA A 64 1.45 -15.36 -22.15
CA ALA A 64 1.34 -16.80 -22.36
C ALA A 64 0.24 -17.15 -23.33
N VAL A 65 -0.71 -16.26 -23.58
CA VAL A 65 -1.85 -16.58 -24.43
C VAL A 65 -1.97 -15.66 -25.64
N THR A 66 -0.99 -14.79 -25.87
CA THR A 66 -1.10 -13.77 -26.91
C THR A 66 0.09 -13.90 -27.87
N GLN A 67 -0.20 -13.82 -29.18
CA GLN A 67 0.85 -13.89 -30.20
C GLN A 67 1.65 -12.59 -30.24
N HIS A 68 2.97 -12.72 -30.13
CA HIS A 68 3.86 -11.57 -30.14
C HIS A 68 5.23 -12.01 -30.67
N ASP A 69 5.93 -11.10 -31.35
CA ASP A 69 7.35 -11.29 -31.59
C ASP A 69 8.11 -11.34 -30.26
N GLU A 70 9.28 -11.99 -30.27
CA GLU A 70 10.08 -12.06 -29.05
C GLU A 70 10.43 -10.66 -28.56
N ALA A 71 10.77 -9.75 -29.48
CA ALA A 71 11.16 -8.41 -29.07
C ALA A 71 10.01 -7.68 -28.41
N THR A 72 8.78 -7.98 -28.84
CA THR A 72 7.60 -7.40 -28.22
C THR A 72 7.39 -7.96 -26.83
N LYS A 73 7.58 -9.27 -26.65
CA LYS A 73 7.48 -9.84 -25.32
C LYS A 73 8.48 -9.15 -24.39
N GLU A 74 9.71 -8.98 -24.87
CA GLU A 74 10.72 -8.32 -24.04
C GLU A 74 10.32 -6.90 -23.71
N ARG A 75 9.79 -6.17 -24.68
CA ARG A 75 9.33 -4.81 -24.45
C ARG A 75 8.23 -4.76 -23.40
N ILE A 76 7.23 -5.64 -23.54
CA ILE A 76 6.12 -5.63 -22.60
C ILE A 76 6.60 -5.94 -21.19
N LEU A 77 7.48 -6.94 -21.04
CA LEU A 77 7.99 -7.26 -19.70
C LEU A 77 8.84 -6.11 -19.16
N HIS A 78 9.65 -5.47 -20.00
CA HIS A 78 10.40 -4.32 -19.50
C HIS A 78 9.46 -3.22 -19.04
N ASP A 79 8.43 -2.95 -19.83
CA ASP A 79 7.45 -1.93 -19.43
C ASP A 79 6.77 -2.31 -18.12
N ALA A 80 6.41 -3.59 -17.95
CA ALA A 80 5.78 -4.03 -16.71
C ALA A 80 6.70 -3.81 -15.52
N CYS A 81 8.00 -4.05 -15.71
CA CYS A 81 8.96 -3.81 -14.64
C CYS A 81 9.07 -2.32 -14.30
N VAL A 82 9.16 -1.46 -15.31
CA VAL A 82 9.23 -0.02 -15.06
C VAL A 82 7.96 0.44 -14.35
N GLY A 83 6.80 -0.02 -14.83
CA GLY A 83 5.55 0.35 -14.20
C GLY A 83 5.46 -0.16 -12.77
N GLY A 84 5.91 -1.38 -12.54
CA GLY A 84 6.00 -1.89 -11.18
C GLY A 84 6.89 -1.04 -10.28
N TRP A 85 8.05 -0.61 -10.80
CA TRP A 85 8.89 0.28 -9.99
C TRP A 85 8.24 1.63 -9.77
N MET A 86 7.42 2.13 -10.71
CA MET A 86 6.68 3.35 -10.43
C MET A 86 5.83 3.17 -9.17
N ILE A 87 5.20 2.00 -9.05
CA ILE A 87 4.34 1.77 -7.89
C ILE A 87 5.19 1.62 -6.64
N GLU A 88 6.32 0.91 -6.73
CA GLU A 88 7.19 0.75 -5.57
C GLU A 88 7.74 2.10 -5.10
N PHE A 89 8.06 3.00 -6.04
CA PHE A 89 8.57 4.32 -5.66
C PHE A 89 7.47 5.19 -5.07
N LEU A 90 6.24 5.05 -5.58
CA LEU A 90 5.09 5.73 -4.97
C LEU A 90 4.88 5.26 -3.55
N GLN A 91 4.94 3.96 -3.31
CA GLN A 91 4.85 3.46 -1.96
C GLN A 91 5.99 4.05 -1.11
N ALA A 92 7.20 4.06 -1.66
CA ALA A 92 8.33 4.58 -0.90
C ALA A 92 8.12 6.03 -0.48
N HIS A 93 7.58 6.85 -1.38
CA HIS A 93 7.17 8.23 -1.04
C HIS A 93 6.22 8.23 0.16
N TYR A 94 5.14 7.44 0.10
CA TYR A 94 4.18 7.47 1.18
C TYR A 94 4.76 6.93 2.47
N LEU A 95 5.65 5.93 2.42
CA LEU A 95 6.19 5.40 3.68
C LEU A 95 7.14 6.41 4.32
N VAL A 96 7.95 7.09 3.51
CA VAL A 96 8.85 8.13 4.03
C VAL A 96 8.03 9.21 4.72
N GLU A 97 7.01 9.74 4.04
CA GLU A 97 6.25 10.85 4.59
C GLU A 97 5.38 10.39 5.76
N ASP A 98 4.77 9.20 5.67
N ASP A 98 4.77 9.21 5.66
CA ASP A 98 3.93 8.71 6.76
CA ASP A 98 3.93 8.75 6.78
C ASP A 98 4.74 8.44 8.02
C ASP A 98 4.76 8.50 8.03
N ASP A 99 5.95 7.92 7.88
CA ASP A 99 6.78 7.68 9.06
C ASP A 99 7.11 9.00 9.76
N ILE A 100 7.37 10.07 8.98
CA ILE A 100 7.57 11.39 9.59
C ILE A 100 6.28 11.85 10.27
N MET A 101 5.15 11.80 9.54
CA MET A 101 3.87 12.27 10.05
C MET A 101 3.53 11.62 11.38
N ASP A 102 3.85 10.33 11.50
CA ASP A 102 3.43 9.51 12.64
C ASP A 102 4.48 9.40 13.72
N GLY A 103 5.67 9.96 13.51
CA GLY A 103 6.76 9.80 14.46
C GLY A 103 7.23 8.37 14.60
N SER A 104 7.16 7.59 13.53
CA SER A 104 7.50 6.18 13.61
C SER A 104 9.00 6.01 13.81
N VAL A 105 9.37 4.89 14.44
CA VAL A 105 10.74 4.64 14.85
C VAL A 105 11.45 3.71 13.87
N MET A 106 10.82 2.59 13.52
CA MET A 106 11.42 1.57 12.69
C MET A 106 10.51 1.21 11.54
N ARG A 107 11.13 0.72 10.48
CA ARG A 107 10.41 0.10 9.38
C ARG A 107 11.32 -0.92 8.73
N ARG A 108 10.78 -2.10 8.45
CA ARG A 108 11.54 -3.17 7.77
C ARG A 108 12.83 -3.48 8.52
N GLY A 109 12.73 -3.52 9.84
CA GLY A 109 13.84 -3.86 10.70
C GLY A 109 14.88 -2.76 10.90
N LYS A 110 14.74 -1.61 10.28
CA LYS A 110 15.74 -0.55 10.30
C LYS A 110 15.11 0.77 10.69
N PRO A 111 15.91 1.75 11.09
CA PRO A 111 15.33 3.06 11.41
C PRO A 111 14.60 3.64 10.22
N CYS A 112 13.52 4.36 10.51
CA CYS A 112 12.85 5.12 9.47
C CYS A 112 13.84 6.10 8.86
N TRP A 113 13.66 6.38 7.56
CA TRP A 113 14.65 7.19 6.84
C TRP A 113 14.92 8.53 7.52
N TYR A 114 13.89 9.24 7.96
CA TYR A 114 14.12 10.56 8.56
C TYR A 114 14.98 10.50 9.81
N ARG A 115 15.08 9.33 10.45
CA ARG A 115 15.87 9.17 11.65
C ARG A 115 17.34 8.85 11.37
N PHE A 116 17.72 8.62 10.11
CA PHE A 116 19.14 8.43 9.82
C PHE A 116 19.91 9.71 10.21
N PRO A 117 21.09 9.59 10.78
CA PRO A 117 21.73 10.77 11.37
C PRO A 117 22.00 11.91 10.41
N GLY A 118 22.40 11.58 9.19
CA GLY A 118 22.69 12.52 8.12
C GLY A 118 21.51 12.87 7.24
N VAL A 119 20.30 12.51 7.64
CA VAL A 119 19.10 12.81 6.85
C VAL A 119 18.36 13.94 7.55
N THR A 120 17.68 13.63 8.66
CA THR A 120 16.81 14.52 9.42
C THR A 120 15.52 14.84 8.68
N THR A 121 14.53 15.32 9.42
CA THR A 121 13.22 15.58 8.83
C THR A 121 13.30 16.63 7.75
N GLN A 122 14.15 17.64 7.95
CA GLN A 122 14.30 18.69 6.93
C GLN A 122 14.64 18.12 5.56
N CYS A 123 15.57 17.16 5.50
CA CYS A 123 15.87 16.55 4.22
C CYS A 123 14.86 15.48 3.84
N ALA A 124 14.38 14.70 4.81
CA ALA A 124 13.56 13.54 4.46
C ALA A 124 12.22 13.91 3.85
N ILE A 125 11.60 15.02 4.28
CA ILE A 125 10.35 15.45 3.63
C ILE A 125 10.61 15.66 2.13
N ASN A 126 11.72 16.32 1.80
CA ASN A 126 12.03 16.56 0.39
C ASN A 126 12.44 15.30 -0.31
N ASP A 127 13.18 14.41 0.37
CA ASP A 127 13.51 13.13 -0.26
C ASP A 127 12.24 12.39 -0.68
N GLY A 128 11.21 12.39 0.16
CA GLY A 128 9.95 11.78 -0.24
C GLY A 128 9.34 12.45 -1.45
N ILE A 129 9.45 13.77 -1.53
CA ILE A 129 8.96 14.48 -2.72
C ILE A 129 9.71 14.01 -3.97
N ILE A 130 11.03 13.85 -3.86
CA ILE A 130 11.83 13.39 -4.98
C ILE A 130 11.39 12.00 -5.42
N LEU A 131 11.11 11.13 -4.45
CA LEU A 131 10.68 9.75 -4.77
C LEU A 131 9.43 9.79 -5.64
N LYS A 132 8.50 10.67 -5.32
CA LYS A 132 7.28 10.76 -6.10
C LYS A 132 7.58 11.35 -7.47
N SER A 133 8.44 12.38 -7.53
CA SER A 133 8.81 12.94 -8.82
C SER A 133 9.42 11.88 -9.72
N TRP A 134 10.27 11.02 -9.15
CA TRP A 134 10.93 10.00 -9.95
C TRP A 134 9.93 9.07 -10.61
N THR A 135 8.77 8.84 -10.00
CA THR A 135 7.76 8.00 -10.67
C THR A 135 7.39 8.60 -12.03
N GLN A 136 7.27 9.92 -12.10
CA GLN A 136 6.87 10.58 -13.35
C GLN A 136 8.04 10.66 -14.32
N ILE A 137 9.25 10.91 -13.82
CA ILE A 137 10.41 10.96 -14.69
C ILE A 137 10.58 9.62 -15.39
N MET A 138 10.43 8.51 -14.64
CA MET A 138 10.45 7.16 -15.21
C MET A 138 9.44 7.02 -16.34
N ALA A 139 8.20 7.38 -16.08
CA ALA A 139 7.13 7.17 -17.03
C ALA A 139 7.39 7.94 -18.32
N TRP A 140 7.72 9.22 -18.18
CA TRP A 140 7.93 10.02 -19.38
C TRP A 140 9.10 9.52 -20.20
N HIS A 141 10.15 9.01 -19.55
CA HIS A 141 11.29 8.53 -20.29
C HIS A 141 11.00 7.20 -20.98
N TYR A 142 10.53 6.21 -20.21
CA TYR A 142 10.42 4.86 -20.75
C TYR A 142 9.17 4.68 -21.61
N PHE A 143 8.12 5.43 -21.33
CA PHE A 143 6.83 5.23 -21.99
C PHE A 143 6.50 6.36 -22.98
N ALA A 144 7.50 7.18 -23.34
CA ALA A 144 7.23 8.36 -24.16
C ALA A 144 6.40 8.06 -25.40
N ASP A 145 6.71 6.98 -26.09
CA ASP A 145 6.08 6.67 -27.36
C ASP A 145 4.93 5.69 -27.22
N ARG A 146 4.55 5.32 -26.00
CA ARG A 146 3.63 4.20 -25.83
C ARG A 146 2.18 4.63 -25.94
N PRO A 147 1.33 3.78 -26.54
CA PRO A 147 -0.08 4.15 -26.68
C PRO A 147 -0.78 4.30 -25.35
N PHE A 148 -0.31 3.62 -24.32
CA PHE A 148 -0.95 3.62 -23.01
C PHE A 148 -0.47 4.72 -22.09
N LEU A 149 0.41 5.62 -22.55
CA LEU A 149 0.98 6.61 -21.64
C LEU A 149 -0.11 7.48 -21.01
N LYS A 150 -1.03 8.00 -21.82
CA LYS A 150 -2.05 8.90 -21.28
C LYS A 150 -2.91 8.20 -20.23
N ASP A 151 -3.42 7.00 -20.54
CA ASP A 151 -4.23 6.26 -19.58
C ASP A 151 -3.45 5.93 -18.32
N LEU A 152 -2.20 5.52 -18.47
CA LEU A 152 -1.37 5.13 -17.33
C LEU A 152 -1.11 6.32 -16.41
N LEU A 153 -0.75 7.47 -16.97
CA LEU A 153 -0.49 8.64 -16.13
C LEU A 153 -1.76 9.11 -15.44
N CYS A 154 -2.91 9.06 -16.13
CA CYS A 154 -4.17 9.50 -15.55
C CYS A 154 -4.59 8.57 -14.41
N LEU A 155 -4.45 7.26 -14.61
CA LEU A 155 -4.72 6.28 -13.55
C LEU A 155 -3.80 6.49 -12.37
N PHE A 156 -2.50 6.66 -12.63
CA PHE A 156 -1.51 6.82 -11.56
C PHE A 156 -1.83 8.03 -10.71
N GLN A 157 -2.19 9.15 -11.33
CA GLN A 157 -2.43 10.35 -10.55
C GLN A 157 -3.73 10.25 -9.75
N LYS A 158 -4.75 9.58 -10.28
CA LYS A 158 -5.98 9.40 -9.51
C LYS A 158 -5.74 8.47 -8.32
N VAL A 159 -4.90 7.45 -8.49
CA VAL A 159 -4.60 6.54 -7.38
C VAL A 159 -3.79 7.26 -6.33
N ASP A 160 -2.81 8.07 -6.77
CA ASP A 160 -2.02 8.87 -5.83
C ASP A 160 -2.92 9.76 -5.02
N TYR A 161 -3.82 10.48 -5.69
CA TYR A 161 -4.73 11.37 -5.00
C TYR A 161 -5.62 10.61 -4.02
N ALA A 162 -6.17 9.47 -4.46
CA ALA A 162 -6.98 8.65 -3.56
C ALA A 162 -6.20 8.27 -2.30
N THR A 163 -4.91 7.94 -2.47
CA THR A 163 -4.08 7.51 -1.36
C THR A 163 -3.88 8.65 -0.36
N ALA A 164 -3.66 9.87 -0.87
CA ALA A 164 -3.53 11.04 -0.01
C ALA A 164 -4.85 11.30 0.75
N VAL A 165 -5.97 11.16 0.05
CA VAL A 165 -7.27 11.33 0.70
C VAL A 165 -7.44 10.28 1.77
N GLY A 166 -7.03 9.04 1.48
CA GLY A 166 -7.09 8.00 2.47
C GLY A 166 -6.22 8.27 3.70
N GLN A 167 -5.05 8.87 3.48
CA GLN A 167 -4.20 9.26 4.60
C GLN A 167 -4.92 10.28 5.48
N MET A 168 -5.63 11.22 4.86
CA MET A 168 -6.45 12.16 5.64
C MET A 168 -7.50 11.40 6.44
N TYR A 169 -8.20 10.45 5.82
CA TYR A 169 -9.21 9.69 6.56
C TYR A 169 -8.58 8.94 7.74
N ASP A 170 -7.36 8.44 7.56
CA ASP A 170 -6.70 7.64 8.59
C ASP A 170 -6.25 8.51 9.75
N VAL A 171 -5.60 9.64 9.47
CA VAL A 171 -5.01 10.40 10.56
C VAL A 171 -6.08 11.15 11.35
N THR A 172 -7.30 11.30 10.78
CA THR A 172 -8.41 11.97 11.47
C THR A 172 -9.44 10.99 12.01
N SER A 173 -9.15 9.69 12.00
CA SER A 173 -10.19 8.72 12.29
C SER A 173 -10.52 8.64 13.77
N MET A 174 -9.71 9.24 14.64
CA MET A 174 -9.98 9.21 16.07
C MET A 174 -10.55 10.52 16.58
N CYS A 175 -10.87 11.43 15.67
CA CYS A 175 -11.53 12.68 16.04
C CYS A 175 -12.99 12.61 15.62
N ASP A 176 -13.81 13.41 16.28
CA ASP A 176 -15.21 13.51 15.88
C ASP A 176 -15.30 14.40 14.64
N SER A 177 -15.98 13.93 13.59
CA SER A 177 -15.99 14.69 12.33
C SER A 177 -16.52 16.08 12.52
N ASN A 178 -17.55 16.25 13.36
CA ASN A 178 -18.21 17.54 13.49
C ASN A 178 -17.37 18.54 14.24
N LYS A 179 -16.25 18.12 14.83
CA LYS A 179 -15.35 19.04 15.51
C LYS A 179 -14.10 19.35 14.71
N LEU A 180 -13.93 18.78 13.52
CA LEU A 180 -12.75 19.10 12.71
C LEU A 180 -12.72 20.59 12.40
N ASP A 181 -11.56 21.22 12.59
CA ASP A 181 -11.47 22.67 12.49
C ASP A 181 -10.00 23.06 12.53
N PRO A 182 -9.43 23.61 11.46
CA PRO A 182 -8.01 23.99 11.51
C PRO A 182 -7.67 24.93 12.63
N GLU A 183 -8.65 25.68 13.14
CA GLU A 183 -8.39 26.67 14.18
C GLU A 183 -8.32 26.09 15.58
N VAL A 184 -8.78 24.86 15.79
CA VAL A 184 -8.99 24.34 17.14
C VAL A 184 -8.27 23.01 17.29
N ALA A 185 -7.43 22.89 18.30
CA ALA A 185 -6.74 21.63 18.53
C ALA A 185 -7.75 20.48 18.69
N GLN A 186 -7.43 19.35 18.09
CA GLN A 186 -8.41 18.27 17.92
C GLN A 186 -8.37 17.31 19.08
N PRO A 187 -9.46 17.14 19.83
CA PRO A 187 -9.49 16.12 20.88
C PRO A 187 -9.87 14.77 20.31
N MET A 188 -9.33 13.74 20.93
CA MET A 188 -9.78 12.39 20.63
C MET A 188 -11.26 12.23 20.94
N THR A 189 -11.93 11.43 20.12
CA THR A 189 -13.33 11.08 20.37
C THR A 189 -13.48 10.48 21.76
N THR A 190 -14.60 10.78 22.41
CA THR A 190 -14.94 10.08 23.64
C THR A 190 -16.00 9.02 23.41
N ASP A 191 -16.85 9.17 22.40
CA ASP A 191 -17.94 8.20 22.21
C ASP A 191 -17.60 7.07 21.24
N PHE A 192 -16.56 7.24 20.42
CA PHE A 192 -16.16 6.24 19.42
C PHE A 192 -17.31 5.88 18.49
N ALA A 193 -18.25 6.81 18.30
CA ALA A 193 -19.38 6.51 17.41
C ALA A 193 -18.96 6.33 15.96
N GLU A 194 -17.82 6.90 15.55
CA GLU A 194 -17.37 6.75 14.18
C GLU A 194 -16.46 5.55 14.00
N PHE A 195 -16.34 4.68 15.01
CA PHE A 195 -15.62 3.42 14.87
C PHE A 195 -16.65 2.39 14.41
N THR A 196 -16.99 2.44 13.12
CA THR A 196 -17.96 1.52 12.54
C THR A 196 -17.34 0.77 11.36
N PRO A 197 -17.94 -0.36 10.96
CA PRO A 197 -17.44 -1.04 9.76
C PRO A 197 -17.42 -0.17 8.52
N ALA A 198 -18.48 0.60 8.26
CA ALA A 198 -18.53 1.39 7.05
C ALA A 198 -17.45 2.48 7.04
N ILE A 199 -17.18 3.07 8.21
CA ILE A 199 -16.16 4.12 8.24
C ILE A 199 -14.77 3.53 8.14
N TYR A 200 -14.53 2.41 8.82
CA TYR A 200 -13.29 1.66 8.65
C TYR A 200 -13.07 1.30 7.19
N LYS A 201 -14.11 0.83 6.52
CA LYS A 201 -13.95 0.39 5.14
C LYS A 201 -13.56 1.55 4.23
N ARG A 202 -14.10 2.76 4.50
CA ARG A 202 -13.69 3.93 3.73
C ARG A 202 -12.22 4.27 3.94
N ILE A 203 -11.74 4.22 5.19
CA ILE A 203 -10.33 4.50 5.43
C ILE A 203 -9.47 3.56 4.60
N VAL A 204 -9.75 2.27 4.69
CA VAL A 204 -8.86 1.27 4.09
C VAL A 204 -8.91 1.35 2.57
N LYS A 205 -10.11 1.52 2.02
CA LYS A 205 -10.28 1.61 0.59
C LYS A 205 -9.37 2.66 0.00
N TYR A 206 -9.37 3.86 0.60
CA TYR A 206 -8.58 4.95 0.04
C TYR A 206 -7.11 4.89 0.46
N LYS A 207 -6.81 4.54 1.70
CA LYS A 207 -5.43 4.67 2.13
C LYS A 207 -4.54 3.55 1.59
N THR A 208 -5.11 2.37 1.29
CA THR A 208 -4.31 1.21 0.92
C THR A 208 -4.75 0.56 -0.39
N THR A 209 -6.05 0.38 -0.60
CA THR A 209 -6.47 -0.54 -1.65
C THR A 209 -6.17 -0.03 -3.04
N PHE A 210 -6.32 1.28 -3.28
CA PHE A 210 -6.09 1.79 -4.62
C PHE A 210 -4.64 1.58 -5.06
N TYR A 211 -3.66 1.89 -4.20
CA TYR A 211 -2.26 1.77 -4.66
C TYR A 211 -1.72 0.35 -4.48
N THR A 212 -2.32 -0.47 -3.62
CA THR A 212 -1.75 -1.77 -3.33
C THR A 212 -2.30 -2.85 -4.26
N TYR A 213 -3.57 -2.73 -4.66
CA TYR A 213 -4.21 -3.73 -5.51
C TYR A 213 -4.76 -3.19 -6.82
N LEU A 214 -5.50 -2.07 -6.80
CA LEU A 214 -6.09 -1.58 -8.05
C LEU A 214 -5.02 -1.14 -9.03
N LEU A 215 -4.05 -0.33 -8.57
CA LEU A 215 -3.03 0.19 -9.47
C LEU A 215 -2.18 -0.91 -10.08
N PRO A 216 -1.66 -1.89 -9.34
CA PRO A 216 -0.85 -2.93 -10.01
C PRO A 216 -1.67 -3.75 -11.00
N LEU A 217 -2.91 -4.10 -10.67
CA LEU A 217 -3.71 -4.91 -11.58
C LEU A 217 -3.99 -4.15 -12.87
N VAL A 218 -4.42 -2.89 -12.75
CA VAL A 218 -4.75 -2.15 -13.95
C VAL A 218 -3.51 -1.76 -14.73
N MET A 219 -2.40 -1.41 -14.06
CA MET A 219 -1.17 -1.14 -14.80
C MET A 219 -0.74 -2.36 -15.60
N GLY A 220 -0.90 -3.56 -15.02
CA GLY A 220 -0.57 -4.75 -15.77
C GLY A 220 -1.43 -4.92 -17.01
N LEU A 221 -2.72 -4.60 -16.89
CA LEU A 221 -3.59 -4.56 -18.06
C LEU A 221 -3.14 -3.50 -19.06
N LEU A 222 -2.75 -2.32 -18.60
CA LEU A 222 -2.42 -1.27 -19.56
C LEU A 222 -1.13 -1.58 -20.34
N VAL A 223 -0.08 -2.07 -19.68
CA VAL A 223 1.14 -2.33 -20.43
C VAL A 223 0.94 -3.52 -21.37
N SER A 224 -0.07 -4.36 -21.12
CA SER A 224 -0.44 -5.49 -21.98
C SER A 224 -1.46 -5.10 -23.06
N GLU A 225 -1.90 -3.83 -23.09
CA GLU A 225 -2.97 -3.36 -23.96
C GLU A 225 -4.16 -4.31 -23.93
N ALA A 226 -4.57 -4.65 -22.70
CA ALA A 226 -5.58 -5.65 -22.45
C ALA A 226 -6.74 -5.14 -21.61
N ALA A 227 -6.78 -3.84 -21.31
CA ALA A 227 -7.82 -3.33 -20.41
C ALA A 227 -9.21 -3.49 -21.00
N ALA A 228 -9.34 -3.37 -22.31
CA ALA A 228 -10.66 -3.53 -22.90
C ALA A 228 -11.20 -4.95 -22.81
N SER A 229 -10.36 -5.92 -22.45
CA SER A 229 -10.73 -7.33 -22.39
C SER A 229 -11.14 -7.79 -20.99
N VAL A 230 -11.36 -6.87 -20.03
CA VAL A 230 -11.87 -7.21 -18.72
C VAL A 230 -13.06 -6.30 -18.41
N GLU A 231 -13.85 -6.70 -17.43
CA GLU A 231 -14.92 -5.89 -16.86
C GLU A 231 -14.33 -5.05 -15.73
N MET A 232 -14.11 -3.76 -15.97
CA MET A 232 -13.36 -2.96 -15.00
C MET A 232 -14.11 -2.81 -13.67
N ASN A 233 -15.44 -2.84 -13.68
CA ASN A 233 -16.15 -2.81 -12.40
C ASN A 233 -15.80 -4.01 -11.52
N LEU A 234 -15.57 -5.18 -12.15
CA LEU A 234 -15.16 -6.34 -11.37
C LEU A 234 -13.74 -6.19 -10.85
N VAL A 235 -12.84 -5.61 -11.65
CA VAL A 235 -11.48 -5.38 -11.21
C VAL A 235 -11.49 -4.50 -9.96
N GLU A 236 -12.29 -3.43 -9.98
CA GLU A 236 -12.37 -2.52 -8.84
C GLU A 236 -12.92 -3.27 -7.62
N ARG A 237 -14.01 -4.01 -7.81
CA ARG A 237 -14.62 -4.70 -6.69
C ARG A 237 -13.68 -5.73 -6.07
N VAL A 238 -12.94 -6.47 -6.91
CA VAL A 238 -12.07 -7.49 -6.31
C VAL A 238 -10.85 -6.84 -5.66
N ALA A 239 -10.33 -5.75 -6.22
CA ALA A 239 -9.26 -5.01 -5.58
C ALA A 239 -9.68 -4.49 -4.20
N HIS A 240 -10.90 -3.94 -4.11
N HIS A 240 -10.88 -3.87 -4.15
CA HIS A 240 -11.32 -3.35 -2.84
CA HIS A 240 -11.45 -3.40 -2.89
C HIS A 240 -11.64 -4.42 -1.79
C HIS A 240 -11.41 -4.50 -1.83
N LEU A 241 -11.95 -5.66 -2.20
CA LEU A 241 -12.13 -6.75 -1.26
C LEU A 241 -10.82 -7.30 -0.75
N ILE A 242 -9.89 -7.61 -1.67
CA ILE A 242 -8.63 -8.17 -1.24
C ILE A 242 -7.84 -7.14 -0.45
N GLY A 243 -7.93 -5.87 -0.85
CA GLY A 243 -7.18 -4.84 -0.15
C GLY A 243 -7.66 -4.65 1.27
N GLU A 244 -8.97 -4.78 1.48
CA GLU A 244 -9.50 -4.70 2.83
C GLU A 244 -8.97 -5.84 3.70
N TYR A 245 -8.96 -7.06 3.15
CA TYR A 245 -8.43 -8.19 3.92
C TYR A 245 -6.95 -7.99 4.26
N PHE A 246 -6.16 -7.51 3.29
CA PHE A 246 -4.75 -7.21 3.52
C PHE A 246 -4.57 -6.26 4.70
N GLN A 247 -5.40 -5.20 4.77
CA GLN A 247 -5.30 -4.24 5.86
C GLN A 247 -5.76 -4.84 7.18
N VAL A 248 -6.81 -5.65 7.16
CA VAL A 248 -7.27 -6.26 8.40
C VAL A 248 -6.15 -7.13 8.99
N GLN A 249 -5.49 -7.92 8.14
CA GLN A 249 -4.34 -8.69 8.58
C GLN A 249 -3.29 -7.78 9.22
N ASP A 250 -2.99 -6.66 8.55
CA ASP A 250 -1.95 -5.79 9.07
C ASP A 250 -2.39 -5.20 10.40
N ASP A 251 -3.68 -4.88 10.54
CA ASP A 251 -4.19 -4.39 11.80
C ASP A 251 -4.02 -5.42 12.92
N VAL A 252 -4.35 -6.68 12.64
CA VAL A 252 -4.21 -7.70 13.67
C VAL A 252 -2.74 -7.87 14.04
N MET A 253 -1.86 -7.84 13.04
CA MET A 253 -0.42 -7.99 13.31
C MET A 253 0.14 -6.80 14.08
N ASP A 254 -0.38 -5.60 13.86
CA ASP A 254 0.10 -4.45 14.62
C ASP A 254 -0.01 -4.70 16.11
N CYS A 255 -1.08 -5.35 16.53
CA CYS A 255 -1.34 -5.58 17.94
C CYS A 255 -0.66 -6.84 18.47
N PHE A 256 -0.64 -7.91 17.67
CA PHE A 256 -0.32 -9.22 18.20
C PHE A 256 0.94 -9.86 17.65
N THR A 257 1.53 -9.33 16.57
CA THR A 257 2.74 -9.96 16.03
C THR A 257 3.96 -9.42 16.75
N PRO A 258 4.86 -10.29 17.22
CA PRO A 258 6.02 -9.81 17.97
C PRO A 258 6.82 -8.80 17.16
N PRO A 259 7.33 -7.74 17.79
CA PRO A 259 8.05 -6.72 17.02
C PRO A 259 9.18 -7.26 16.16
N GLU A 260 9.91 -8.26 16.63
CA GLU A 260 11.00 -8.83 15.84
C GLU A 260 10.50 -9.33 14.50
N GLN A 261 9.26 -9.82 14.42
CA GLN A 261 8.69 -10.31 13.18
C GLN A 261 7.99 -9.21 12.39
N LEU A 262 7.36 -8.25 13.06
CA LEU A 262 6.63 -7.21 12.35
C LEU A 262 7.59 -6.22 11.68
N GLY A 263 8.78 -6.03 12.26
CA GLY A 263 9.73 -5.06 11.76
C GLY A 263 9.69 -3.71 12.44
N LYS A 264 8.86 -3.57 13.48
CA LYS A 264 8.58 -2.31 14.16
C LYS A 264 7.75 -2.65 15.39
N VAL A 265 7.62 -1.68 16.29
CA VAL A 265 6.70 -1.78 17.41
C VAL A 265 5.36 -1.21 16.95
N GLY A 266 4.30 -2.00 17.09
CA GLY A 266 2.97 -1.50 16.75
C GLY A 266 2.50 -0.49 17.77
N THR A 267 1.90 0.61 17.28
CA THR A 267 1.39 1.65 18.17
C THR A 267 -0.05 2.03 17.88
N ASP A 268 -0.83 1.18 17.19
CA ASP A 268 -2.19 1.57 16.81
C ASP A 268 -3.05 1.91 18.05
N ILE A 269 -2.88 1.16 19.14
CA ILE A 269 -3.68 1.43 20.34
C ILE A 269 -3.32 2.81 20.91
N GLU A 270 -2.02 3.08 21.07
CA GLU A 270 -1.59 4.36 21.62
C GLU A 270 -2.00 5.52 20.73
N ASP A 271 -2.01 5.30 19.42
CA ASP A 271 -2.36 6.32 18.44
C ASP A 271 -3.87 6.44 18.24
N ALA A 272 -4.67 5.60 18.93
CA ALA A 272 -6.12 5.65 18.87
C ALA A 272 -6.66 5.40 17.47
N LYS A 273 -5.95 4.58 16.70
CA LYS A 273 -6.34 4.31 15.33
C LYS A 273 -7.68 3.56 15.24
N CYS A 274 -8.43 3.84 14.18
CA CYS A 274 -9.65 3.08 13.87
C CYS A 274 -9.22 1.80 13.16
N SER A 275 -8.86 0.81 13.97
CA SER A 275 -8.37 -0.47 13.51
C SER A 275 -9.50 -1.49 13.44
N TRP A 276 -9.27 -2.57 12.69
CA TRP A 276 -10.28 -3.62 12.65
C TRP A 276 -10.52 -4.20 14.03
N LEU A 277 -9.46 -4.28 14.85
CA LEU A 277 -9.63 -4.81 16.19
C LEU A 277 -10.56 -3.94 17.02
N ALA A 278 -10.38 -2.62 16.97
CA ALA A 278 -11.19 -1.74 17.79
C ALA A 278 -12.63 -1.71 17.33
N VAL A 279 -12.85 -1.67 16.01
CA VAL A 279 -14.22 -1.67 15.49
C VAL A 279 -14.92 -2.97 15.84
N THR A 280 -14.23 -4.10 15.63
CA THR A 280 -14.85 -5.40 15.90
C THR A 280 -15.09 -5.59 17.39
N PHE A 281 -14.14 -5.15 18.23
CA PHE A 281 -14.37 -5.20 19.66
C PHE A 281 -15.60 -4.38 20.05
N LEU A 282 -15.70 -3.15 19.55
CA LEU A 282 -16.83 -2.32 19.90
C LEU A 282 -18.12 -2.88 19.32
N GLY A 283 -18.04 -3.73 18.30
CA GLY A 283 -19.22 -4.36 17.75
C GLY A 283 -19.72 -5.56 18.52
N LYS A 284 -18.99 -6.05 19.52
CA LYS A 284 -19.44 -7.19 20.31
C LYS A 284 -19.36 -7.02 21.81
N ALA A 285 -18.81 -5.91 22.30
CA ALA A 285 -18.55 -5.73 23.72
C ALA A 285 -19.83 -5.40 24.49
N ASN A 286 -19.81 -5.70 25.77
CA ASN A 286 -20.88 -5.25 26.67
C ASN A 286 -20.53 -3.86 27.20
N ALA A 287 -21.47 -3.28 27.94
CA ALA A 287 -21.31 -1.90 28.38
C ALA A 287 -20.07 -1.73 29.25
N ALA A 288 -19.81 -2.68 30.15
CA ALA A 288 -18.66 -2.55 31.03
C ALA A 288 -17.37 -2.63 30.24
N GLN A 289 -17.35 -3.48 29.24
CA GLN A 289 -16.18 -3.61 28.38
C GLN A 289 -16.00 -2.35 27.54
N VAL A 290 -17.09 -1.80 27.00
CA VAL A 290 -16.97 -0.53 26.28
C VAL A 290 -16.37 0.53 27.19
N ALA A 291 -16.81 0.60 28.46
CA ALA A 291 -16.31 1.64 29.35
C ALA A 291 -14.83 1.46 29.63
N GLU A 292 -14.38 0.22 29.82
CA GLU A 292 -12.97 -0.01 30.10
C GLU A 292 -12.13 0.34 28.87
N PHE A 293 -12.61 -0.03 27.68
CA PHE A 293 -11.93 0.38 26.46
C PHE A 293 -11.78 1.89 26.41
N LYS A 294 -12.88 2.61 26.62
CA LYS A 294 -12.82 4.07 26.56
C LYS A 294 -11.81 4.62 27.57
N ALA A 295 -11.70 3.98 28.74
CA ALA A 295 -10.80 4.54 29.75
C ALA A 295 -9.33 4.28 29.44
N ASN A 296 -9.01 3.41 28.49
CA ASN A 296 -7.63 3.02 28.26
C ASN A 296 -7.12 3.24 26.85
N TYR A 297 -8.01 3.42 25.87
CA TYR A 297 -7.58 3.51 24.49
C TYR A 297 -6.94 4.86 24.21
N GLY A 298 -5.94 4.85 23.32
CA GLY A 298 -5.38 6.09 22.83
C GLY A 298 -4.42 6.74 23.78
N GLU A 299 -3.76 5.94 24.64
CA GLU A 299 -2.83 6.44 25.66
C GLU A 299 -1.49 5.73 25.53
N LYS A 300 -0.40 6.50 25.59
CA LYS A 300 0.94 5.91 25.51
C LYS A 300 1.30 5.11 26.77
N ASP A 301 0.62 5.35 27.89
CA ASP A 301 0.82 4.59 29.11
C ASP A 301 0.78 3.09 28.83
N PRO A 302 1.88 2.35 29.05
CA PRO A 302 1.88 0.93 28.69
C PRO A 302 0.86 0.10 29.44
N ALA A 303 0.54 0.46 30.69
CA ALA A 303 -0.48 -0.28 31.43
C ALA A 303 -1.84 -0.14 30.77
N LYS A 304 -2.14 1.03 30.23
CA LYS A 304 -3.40 1.21 29.52
C LYS A 304 -3.41 0.42 28.23
N VAL A 305 -2.26 0.33 27.55
CA VAL A 305 -2.18 -0.46 26.33
C VAL A 305 -2.41 -1.93 26.64
N ALA A 306 -1.86 -2.40 27.76
CA ALA A 306 -2.02 -3.80 28.15
C ALA A 306 -3.48 -4.11 28.50
N VAL A 307 -4.17 -3.16 29.11
CA VAL A 307 -5.61 -3.31 29.35
C VAL A 307 -6.32 -3.56 28.03
N VAL A 308 -6.02 -2.76 27.01
CA VAL A 308 -6.72 -2.88 25.73
C VAL A 308 -6.41 -4.23 25.09
N LYS A 309 -5.14 -4.62 25.07
CA LYS A 309 -4.79 -5.89 24.46
C LYS A 309 -5.42 -7.05 25.23
N ARG A 310 -5.61 -6.91 26.55
CA ARG A 310 -6.31 -7.92 27.32
C ARG A 310 -7.79 -7.97 26.96
N LEU A 311 -8.41 -6.80 26.79
CA LEU A 311 -9.80 -6.77 26.35
C LEU A 311 -9.96 -7.46 25.01
N TYR A 312 -9.04 -7.19 24.07
CA TYR A 312 -9.11 -7.83 22.76
C TYR A 312 -9.01 -9.35 22.88
N SER A 313 -8.06 -9.82 23.69
CA SER A 313 -7.90 -11.27 23.88
C SER A 313 -9.16 -11.89 24.47
N LYS A 314 -9.63 -11.35 25.59
CA LYS A 314 -10.80 -11.93 26.25
C LYS A 314 -12.05 -11.85 25.37
N ALA A 315 -12.05 -10.99 24.35
CA ALA A 315 -13.21 -10.81 23.50
C ALA A 315 -13.28 -11.83 22.38
N ASN A 316 -12.29 -12.72 22.29
CA ASN A 316 -12.26 -13.78 21.28
C ASN A 316 -12.45 -13.21 19.87
N LEU A 317 -11.65 -12.19 19.55
CA LEU A 317 -11.71 -11.63 18.21
C LEU A 317 -11.10 -12.54 17.16
N GLN A 318 -10.30 -13.53 17.58
CA GLN A 318 -9.82 -14.51 16.61
C GLN A 318 -10.99 -15.21 15.94
N ALA A 319 -12.12 -15.36 16.64
CA ALA A 319 -13.30 -15.98 16.03
C ALA A 319 -13.96 -15.04 15.02
N ASP A 320 -14.03 -13.75 15.31
CA ASP A 320 -14.49 -12.80 14.31
C ASP A 320 -13.58 -12.77 13.09
N PHE A 321 -12.26 -12.88 13.29
CA PHE A 321 -11.38 -12.86 12.14
C PHE A 321 -11.62 -14.09 11.26
N ALA A 322 -11.77 -15.25 11.88
CA ALA A 322 -12.04 -16.45 11.10
C ALA A 322 -13.34 -16.31 10.30
N ALA A 323 -14.38 -15.75 10.93
CA ALA A 323 -15.63 -15.52 10.22
C ALA A 323 -15.46 -14.52 9.09
N TYR A 324 -14.69 -13.45 9.34
CA TYR A 324 -14.42 -12.45 8.31
C TYR A 324 -13.67 -13.08 7.13
N GLU A 325 -12.64 -13.86 7.44
CA GLU A 325 -11.84 -14.51 6.41
C GLU A 325 -12.71 -15.44 5.56
N ALA A 326 -13.55 -16.26 6.19
CA ALA A 326 -14.39 -17.16 5.43
C ALA A 326 -15.31 -16.40 4.47
N GLU A 327 -15.81 -15.24 4.90
CA GLU A 327 -16.66 -14.46 4.01
C GLU A 327 -15.86 -13.85 2.86
N VAL A 328 -14.65 -13.36 3.14
CA VAL A 328 -13.81 -12.85 2.06
C VAL A 328 -13.52 -13.96 1.04
N VAL A 329 -13.19 -15.16 1.51
CA VAL A 329 -12.94 -16.26 0.58
C VAL A 329 -14.15 -16.49 -0.33
N ARG A 330 -15.36 -16.50 0.25
CA ARG A 330 -16.57 -16.64 -0.55
C ARG A 330 -16.65 -15.57 -1.62
N GLU A 331 -16.43 -14.32 -1.24
CA GLU A 331 -16.68 -13.23 -2.16
C GLU A 331 -15.57 -13.13 -3.19
N VAL A 332 -14.32 -13.37 -2.79
CA VAL A 332 -13.23 -13.33 -3.77
C VAL A 332 -13.38 -14.44 -4.79
N GLU A 333 -13.70 -15.66 -4.35
CA GLU A 333 -13.90 -16.75 -5.30
C GLU A 333 -15.04 -16.43 -6.24
N SER A 334 -16.10 -15.79 -5.73
CA SER A 334 -17.22 -15.39 -6.59
C SER A 334 -16.79 -14.39 -7.65
N LEU A 335 -15.99 -13.39 -7.25
CA LEU A 335 -15.52 -12.38 -8.20
C LEU A 335 -14.56 -12.99 -9.22
N ILE A 336 -13.72 -13.93 -8.79
CA ILE A 336 -12.82 -14.61 -9.73
C ILE A 336 -13.62 -15.37 -10.77
N GLU A 337 -14.69 -16.05 -10.34
CA GLU A 337 -15.54 -16.75 -11.30
C GLU A 337 -16.14 -15.79 -12.30
N GLN A 338 -16.58 -14.61 -11.83
CA GLN A 338 -17.15 -13.64 -12.75
C GLN A 338 -16.10 -13.11 -13.72
N LEU A 339 -14.87 -12.90 -13.25
CA LEU A 339 -13.82 -12.43 -14.14
C LEU A 339 -13.54 -13.42 -15.26
N LYS A 340 -13.76 -14.71 -15.01
CA LYS A 340 -13.54 -15.72 -16.05
C LYS A 340 -14.43 -15.54 -17.28
N VAL A 341 -15.59 -14.88 -17.17
CA VAL A 341 -16.49 -14.76 -18.31
C VAL A 341 -15.77 -14.09 -19.47
N LYS A 342 -15.08 -13.00 -19.17
CA LYS A 342 -14.37 -12.25 -20.21
C LYS A 342 -12.88 -12.57 -20.29
N SER A 343 -12.26 -13.01 -19.19
N SER A 343 -12.19 -12.85 -19.18
CA SER A 343 -10.81 -13.08 -19.10
CA SER A 343 -10.77 -13.14 -19.24
C SER A 343 -10.36 -14.20 -18.17
C SER A 343 -10.34 -14.19 -18.24
N PRO A 344 -10.36 -15.45 -18.65
CA PRO A 344 -9.83 -16.52 -17.79
C PRO A 344 -8.38 -16.31 -17.40
N THR A 345 -7.57 -15.73 -18.29
CA THR A 345 -6.18 -15.44 -17.96
C THR A 345 -6.08 -14.40 -16.84
N PHE A 346 -6.82 -13.30 -16.96
CA PHE A 346 -6.75 -12.31 -15.89
C PHE A 346 -7.31 -12.87 -14.58
N ALA A 347 -8.40 -13.66 -14.65
CA ALA A 347 -8.94 -14.27 -13.44
C ALA A 347 -7.87 -15.10 -12.71
N GLU A 348 -7.03 -15.81 -13.46
CA GLU A 348 -5.97 -16.59 -12.83
C GLU A 348 -4.93 -15.71 -12.16
N SER A 349 -4.57 -14.58 -12.78
CA SER A 349 -3.65 -13.65 -12.14
C SER A 349 -4.21 -13.15 -10.83
N VAL A 350 -5.52 -12.87 -10.78
CA VAL A 350 -6.16 -12.43 -9.55
C VAL A 350 -6.17 -13.55 -8.51
N ALA A 351 -6.43 -14.78 -8.95
CA ALA A 351 -6.34 -15.92 -8.03
C ALA A 351 -4.96 -16.00 -7.39
N VAL A 352 -3.91 -15.75 -8.16
CA VAL A 352 -2.56 -15.77 -7.62
C VAL A 352 -2.37 -14.65 -6.60
N VAL A 353 -2.83 -13.46 -6.93
CA VAL A 353 -2.76 -12.33 -6.01
C VAL A 353 -3.45 -12.68 -4.70
N TRP A 354 -4.65 -13.27 -4.79
CA TRP A 354 -5.38 -13.64 -3.58
C TRP A 354 -4.60 -14.69 -2.78
N GLU A 355 -4.12 -15.75 -3.44
CA GLU A 355 -3.37 -16.78 -2.74
C GLU A 355 -2.18 -16.18 -1.99
N LYS A 356 -1.42 -15.30 -2.66
CA LYS A 356 -0.25 -14.68 -2.01
C LYS A 356 -0.69 -13.85 -0.80
N THR A 357 -1.75 -13.06 -0.96
CA THR A 357 -2.26 -12.26 0.16
C THR A 357 -2.74 -13.14 1.31
N HIS A 358 -3.53 -14.18 0.99
CA HIS A 358 -4.14 -15.01 2.01
C HIS A 358 -3.09 -15.76 2.82
N LYS A 359 -1.93 -16.06 2.23
CA LYS A 359 -0.94 -16.93 2.87
C LYS A 359 0.30 -16.18 3.35
N ARG A 360 0.25 -14.85 3.44
CA ARG A 360 1.48 -14.11 3.72
C ARG A 360 1.75 -14.00 5.22
#